data_6NSX
#
_entry.id   6NSX
#
_cell.length_a   58.581
_cell.length_b   58.581
_cell.length_c   97.572
_cell.angle_alpha   90.000
_cell.angle_beta   90.000
_cell.angle_gamma   120.000
#
_symmetry.space_group_name_H-M   'P 32 2 1'
#
loop_
_entity.id
_entity.type
_entity.pdbx_description
1 polymer 'HIV Tat-specific factor 1'
2 polymer Hsh155
3 non-polymer 'CHLORIDE ION'
4 water water
#
loop_
_entity_poly.entity_id
_entity_poly.type
_entity_poly.pdbx_seq_one_letter_code
_entity_poly.pdbx_strand_id
1 'polypeptide(L)'
;MRHERVVIIKNMFHPMDFEDDPLVLNEIREDLRVECSKFGQIRKLLLFDRHPDGVASVSFRDPEEADYCIQTLDGRWFGG
RQITAQAWDGTTDY
;
A
2 'polypeptide(L)' SRWDVK B
#
loop_
_chem_comp.id
_chem_comp.type
_chem_comp.name
_chem_comp.formula
CL non-polymer 'CHLORIDE ION' 'Cl -1'
#
# COMPACT_ATOMS: atom_id res chain seq x y z
N MET A 1 -16.06 -17.41 4.32
CA MET A 1 -15.39 -18.43 3.52
C MET A 1 -14.04 -17.90 3.00
N ARG A 2 -13.99 -16.64 2.55
CA ARG A 2 -12.72 -16.05 2.12
C ARG A 2 -12.00 -15.43 3.33
N HIS A 3 -10.75 -15.85 3.54
CA HIS A 3 -9.88 -15.36 4.61
C HIS A 3 -8.89 -14.35 3.99
N GLU A 4 -9.19 -13.07 4.08
CA GLU A 4 -8.57 -12.10 3.18
C GLU A 4 -7.11 -11.84 3.55
N ARG A 5 -6.22 -12.03 2.58
CA ARG A 5 -4.80 -11.74 2.78
C ARG A 5 -4.31 -10.49 2.05
N VAL A 6 -5.15 -9.86 1.24
CA VAL A 6 -4.74 -8.74 0.38
C VAL A 6 -5.22 -7.44 1.00
N VAL A 7 -4.30 -6.49 1.17
CA VAL A 7 -4.58 -5.17 1.73
C VAL A 7 -4.54 -4.15 0.59
N ILE A 8 -5.58 -3.33 0.48
CA ILE A 8 -5.64 -2.26 -0.50
C ILE A 8 -5.33 -0.94 0.23
N ILE A 9 -4.26 -0.27 -0.19
CA ILE A 9 -3.83 1.01 0.40
C ILE A 9 -4.15 2.10 -0.60
N LYS A 10 -4.77 3.20 -0.14
CA LYS A 10 -5.16 4.28 -1.02
C LYS A 10 -4.60 5.62 -0.55
N ASN A 11 -4.52 6.55 -1.51
CA ASN A 11 -4.00 7.92 -1.35
C ASN A 11 -2.52 7.98 -1.06
N MET A 12 -1.75 7.05 -1.59
CA MET A 12 -0.31 7.01 -1.40
C MET A 12 0.41 7.99 -2.29
N PHE A 13 -0.26 8.45 -3.34
CA PHE A 13 0.36 9.29 -4.36
C PHE A 13 -0.76 9.76 -5.25
N HIS A 14 -0.43 10.65 -6.18
CA HIS A 14 -1.24 10.93 -7.34
C HIS A 14 -0.39 10.69 -8.58
N PRO A 15 -0.95 10.14 -9.65
CA PRO A 15 -0.12 9.82 -10.84
C PRO A 15 0.66 11.01 -11.38
N MET A 16 0.19 12.23 -11.19
CA MET A 16 0.98 13.40 -11.59
C MET A 16 2.32 13.48 -10.86
N ASP A 17 2.45 12.86 -9.69
CA ASP A 17 3.72 12.89 -8.98
C ASP A 17 4.85 12.26 -9.77
N PHE A 18 4.53 11.36 -10.70
CA PHE A 18 5.54 10.66 -11.48
C PHE A 18 5.81 11.31 -12.82
N GLU A 19 5.13 12.42 -13.12
CA GLU A 19 5.31 13.09 -14.39
C GLU A 19 6.68 13.73 -14.49
N ASP A 20 7.17 14.33 -13.39
CA ASP A 20 8.39 15.13 -13.43
C ASP A 20 9.46 14.60 -12.47
N ASP A 21 9.32 13.37 -12.02
CA ASP A 21 10.44 12.76 -11.32
C ASP A 21 10.38 11.27 -11.58
N PRO A 22 11.27 10.71 -12.42
CA PRO A 22 11.13 9.29 -12.78
C PRO A 22 11.50 8.34 -11.65
N LEU A 23 12.11 8.83 -10.58
CA LEU A 23 12.57 8.00 -9.48
C LEU A 23 11.55 7.85 -8.37
N VAL A 24 10.53 8.70 -8.32
CA VAL A 24 9.62 8.68 -7.17
C VAL A 24 8.88 7.35 -7.08
N LEU A 25 8.44 6.81 -8.23
CA LEU A 25 7.62 5.60 -8.20
C LEU A 25 8.33 4.45 -7.48
N ASN A 26 9.58 4.16 -7.86
CA ASN A 26 10.31 3.07 -7.22
C ASN A 26 10.70 3.40 -5.79
N GLU A 27 10.99 4.68 -5.49
CA GLU A 27 11.21 5.07 -4.11
C GLU A 27 9.98 4.75 -3.25
N ILE A 28 8.79 5.06 -3.75
CA ILE A 28 7.56 4.70 -3.04
C ILE A 28 7.41 3.19 -2.93
N ARG A 29 7.67 2.48 -4.02
CA ARG A 29 7.53 1.02 -3.99
C ARG A 29 8.35 0.45 -2.86
N GLU A 30 9.58 0.93 -2.69
CA GLU A 30 10.45 0.31 -1.70
C GLU A 30 10.13 0.79 -0.28
N ASP A 31 9.77 2.07 -0.14
CA ASP A 31 9.21 2.59 1.11
C ASP A 31 8.11 1.68 1.63
N LEU A 32 7.20 1.30 0.74
CA LEU A 32 6.09 0.43 1.14
C LEU A 32 6.56 -0.97 1.48
N ARG A 33 7.46 -1.53 0.68
CA ARG A 33 7.93 -2.88 0.95
C ARG A 33 8.67 -2.96 2.28
N VAL A 34 9.53 -1.97 2.55
CA VAL A 34 10.27 -1.95 3.79
C VAL A 34 9.32 -1.89 4.98
N GLU A 35 8.32 -1.00 4.92
CA GLU A 35 7.38 -0.91 6.03
C GLU A 35 6.53 -2.18 6.16
N CYS A 36 6.00 -2.68 5.06
CA CYS A 36 5.07 -3.80 5.15
C CYS A 36 5.75 -5.11 5.51
N SER A 37 7.04 -5.26 5.21
N SER A 37 7.05 -5.25 5.21
CA SER A 37 7.78 -6.46 5.59
CA SER A 37 7.77 -6.46 5.59
C SER A 37 7.77 -6.70 7.09
C SER A 37 7.73 -6.70 7.09
N LYS A 38 7.51 -5.66 7.89
CA LYS A 38 7.43 -5.83 9.34
C LYS A 38 6.13 -6.49 9.75
N PHE A 39 5.11 -6.48 8.90
CA PHE A 39 3.79 -7.00 9.23
C PHE A 39 3.61 -8.46 8.83
N GLY A 40 4.43 -8.97 7.93
CA GLY A 40 4.29 -10.36 7.52
C GLY A 40 5.06 -10.62 6.26
N GLN A 41 5.07 -11.89 5.85
CA GLN A 41 5.69 -12.29 4.61
C GLN A 41 4.86 -11.75 3.46
N ILE A 42 5.48 -10.95 2.62
CA ILE A 42 4.81 -10.36 1.47
C ILE A 42 4.86 -11.37 0.33
N ARG A 43 3.70 -11.66 -0.26
CA ARG A 43 3.63 -12.54 -1.41
C ARG A 43 3.66 -11.72 -2.70
N LYS A 44 3.00 -10.58 -2.73
CA LYS A 44 2.96 -9.75 -3.92
C LYS A 44 2.72 -8.31 -3.49
N LEU A 45 3.45 -7.40 -4.10
CA LEU A 45 3.27 -5.97 -3.85
C LEU A 45 3.15 -5.27 -5.19
N LEU A 46 2.09 -4.51 -5.35
CA LEU A 46 1.78 -3.82 -6.59
C LEU A 46 1.40 -2.38 -6.35
N LEU A 47 1.93 -1.49 -7.17
CA LEU A 47 1.51 -0.11 -7.21
C LEU A 47 0.76 0.11 -8.50
N PHE A 48 -0.45 0.65 -8.39
CA PHE A 48 -1.25 1.00 -9.57
C PHE A 48 -0.97 2.46 -9.90
N ASP A 49 0.16 2.67 -10.58
CA ASP A 49 0.77 4.00 -10.67
C ASP A 49 0.00 4.96 -11.57
N ARG A 50 -1.02 4.49 -12.29
CA ARG A 50 -1.85 5.41 -13.04
C ARG A 50 -3.25 5.51 -12.46
N HIS A 51 -3.48 4.92 -11.30
CA HIS A 51 -4.79 4.99 -10.69
C HIS A 51 -4.95 6.33 -9.96
N PRO A 52 -6.01 7.08 -10.21
CA PRO A 52 -6.12 8.43 -9.63
C PRO A 52 -6.24 8.42 -8.13
N ASP A 53 -6.60 7.32 -7.51
CA ASP A 53 -6.71 7.27 -6.07
C ASP A 53 -5.43 6.84 -5.37
N GLY A 54 -4.33 6.69 -6.11
CA GLY A 54 -3.05 6.43 -5.47
C GLY A 54 -3.02 5.05 -4.82
N VAL A 55 -3.37 4.02 -5.58
CA VAL A 55 -3.68 2.71 -4.98
C VAL A 55 -2.46 1.79 -5.00
N ALA A 56 -2.29 1.04 -3.91
CA ALA A 56 -1.34 -0.07 -3.82
C ALA A 56 -2.03 -1.30 -3.26
N SER A 57 -1.60 -2.50 -3.68
N SER A 57 -1.57 -2.47 -3.69
CA SER A 57 -2.08 -3.75 -3.08
CA SER A 57 -1.99 -3.78 -3.17
C SER A 57 -0.90 -4.55 -2.56
C SER A 57 -0.80 -4.43 -2.48
N VAL A 58 -1.01 -5.02 -1.31
CA VAL A 58 -0.03 -5.86 -0.65
C VAL A 58 -0.73 -7.16 -0.22
N SER A 59 -0.25 -8.29 -0.72
N SER A 59 -0.25 -8.29 -0.73
CA SER A 59 -0.80 -9.60 -0.35
CA SER A 59 -0.78 -9.62 -0.37
C SER A 59 0.20 -10.35 0.55
C SER A 59 0.21 -10.31 0.57
N PHE A 60 -0.31 -10.89 1.65
CA PHE A 60 0.50 -11.52 2.67
C PHE A 60 0.29 -13.03 2.69
N ARG A 61 1.15 -13.73 3.42
CA ARG A 61 1.05 -15.17 3.53
C ARG A 61 -0.14 -15.57 4.40
N ASP A 62 -0.39 -14.82 5.50
CA ASP A 62 -1.39 -15.15 6.49
C ASP A 62 -2.40 -14.01 6.67
N PRO A 63 -3.67 -14.31 6.91
CA PRO A 63 -4.65 -13.22 7.06
C PRO A 63 -4.38 -12.33 8.27
N GLU A 64 -3.80 -12.89 9.33
CA GLU A 64 -3.38 -12.07 10.47
C GLU A 64 -2.35 -11.02 10.09
N GLU A 65 -1.53 -11.31 9.07
CA GLU A 65 -0.55 -10.32 8.64
C GLU A 65 -1.24 -9.16 7.96
N ALA A 66 -2.26 -9.45 7.16
CA ALA A 66 -3.04 -8.38 6.51
C ALA A 66 -3.75 -7.52 7.55
N ASP A 67 -4.35 -8.15 8.57
CA ASP A 67 -4.98 -7.44 9.67
C ASP A 67 -4.00 -6.49 10.37
N TYR A 68 -2.80 -6.95 10.71
CA TYR A 68 -1.80 -6.12 11.38
C TYR A 68 -1.39 -4.95 10.51
N CYS A 69 -1.24 -5.19 9.20
CA CYS A 69 -0.94 -4.15 8.25
C CYS A 69 -2.06 -3.12 8.21
N ILE A 70 -3.31 -3.58 8.12
CA ILE A 70 -4.44 -2.66 8.08
C ILE A 70 -4.50 -1.82 9.36
N GLN A 71 -4.35 -2.47 10.51
CA GLN A 71 -4.40 -1.76 11.78
C GLN A 71 -3.36 -0.66 11.84
N THR A 72 -2.15 -0.93 11.36
CA THR A 72 -1.05 0.00 11.51
C THR A 72 -1.07 1.10 10.46
N LEU A 73 -1.50 0.81 9.24
CA LEU A 73 -1.37 1.78 8.17
C LEU A 73 -2.58 2.67 7.99
N ASP A 74 -3.76 2.22 8.38
CA ASP A 74 -4.96 3.02 8.09
C ASP A 74 -4.89 4.34 8.85
N GLY A 75 -5.03 5.45 8.13
CA GLY A 75 -4.93 6.76 8.75
C GLY A 75 -3.52 7.27 8.96
N ARG A 76 -2.50 6.49 8.65
CA ARG A 76 -1.14 6.99 8.77
C ARG A 76 -0.83 7.97 7.65
N TRP A 77 0.23 8.76 7.85
CA TRP A 77 0.62 9.78 6.89
C TRP A 77 1.80 9.28 6.07
N PHE A 78 1.77 9.60 4.77
CA PHE A 78 2.80 9.20 3.83
C PHE A 78 3.03 10.34 2.84
N GLY A 79 4.22 10.93 2.91
CA GLY A 79 4.58 12.00 1.98
C GLY A 79 3.61 13.15 1.97
N GLY A 80 3.03 13.49 3.12
CA GLY A 80 2.06 14.57 3.19
C GLY A 80 0.63 14.19 2.87
N ARG A 81 0.37 12.90 2.62
CA ARG A 81 -0.98 12.41 2.35
C ARG A 81 -1.40 11.47 3.47
N GLN A 82 -2.65 11.61 3.92
CA GLN A 82 -3.20 10.63 4.86
C GLN A 82 -3.76 9.45 4.07
N ILE A 83 -3.29 8.26 4.36
CA ILE A 83 -3.63 7.09 3.55
C ILE A 83 -4.70 6.28 4.26
N THR A 84 -5.39 5.45 3.49
CA THR A 84 -6.30 4.45 4.03
C THR A 84 -5.76 3.06 3.70
N ALA A 85 -6.09 2.11 4.56
CA ALA A 85 -5.75 0.72 4.31
C ALA A 85 -6.94 -0.13 4.71
N GLN A 86 -7.35 -1.05 3.83
CA GLN A 86 -8.52 -1.88 4.06
C GLN A 86 -8.31 -3.23 3.39
N ALA A 87 -8.96 -4.25 3.93
CA ALA A 87 -8.97 -5.55 3.27
C ALA A 87 -9.58 -5.43 1.88
N TRP A 88 -8.96 -6.09 0.90
CA TRP A 88 -9.51 -6.15 -0.45
C TRP A 88 -10.93 -6.70 -0.37
N ASP A 89 -11.80 -6.18 -1.23
CA ASP A 89 -13.18 -6.66 -1.26
C ASP A 89 -13.33 -7.93 -2.10
N GLY A 90 -12.25 -8.45 -2.68
CA GLY A 90 -12.28 -9.69 -3.44
C GLY A 90 -12.79 -9.55 -4.86
N THR A 91 -13.29 -8.38 -5.24
CA THR A 91 -13.85 -8.18 -6.57
C THR A 91 -13.27 -6.99 -7.33
N THR A 92 -12.94 -5.88 -6.66
CA THR A 92 -12.56 -4.68 -7.39
C THR A 92 -11.14 -4.80 -7.94
N ASP A 93 -10.97 -4.37 -9.18
CA ASP A 93 -9.67 -4.31 -9.85
C ASP A 93 -9.23 -2.86 -9.90
N TYR A 94 -7.92 -2.65 -10.08
CA TYR A 94 -7.35 -1.29 -9.98
C TYR A 94 -6.43 -1.00 -11.17
N SER B 1 12.72 8.22 3.95
CA SER B 1 11.40 7.68 3.71
C SER B 1 10.35 8.74 3.86
N ARG B 2 9.19 8.45 3.30
CA ARG B 2 8.06 9.35 3.36
C ARG B 2 7.13 9.00 4.46
N TRP B 3 7.42 7.95 5.19
CA TRP B 3 6.56 7.55 6.28
C TRP B 3 6.41 8.58 7.37
N ASP B 4 5.17 8.86 7.67
CA ASP B 4 4.74 9.77 8.70
C ASP B 4 4.85 11.29 8.51
N VAL B 5 5.29 11.72 7.34
CA VAL B 5 5.37 13.15 7.00
C VAL B 5 3.97 13.72 6.88
N LYS B 6 3.60 14.65 7.74
CA LYS B 6 2.27 15.24 7.71
C LYS B 6 2.15 16.47 6.83
CL CL C . 5.18 -20.49 3.49
CL CL D . 6.32 -8.48 -5.50
#